data_4HJB
#
_entry.id   4HJB
#
_cell.length_a   34.190
_cell.length_b   46.290
_cell.length_c   34.880
_cell.angle_alpha   90.000
_cell.angle_beta   91.270
_cell.angle_gamma   90.000
#
_symmetry.space_group_name_H-M   'P 1 2 1'
#
loop_
_entity.id
_entity.type
_entity.pdbx_description
1 polymer GCN4pLI(alpha/beta/cyclic-gamma)
2 water water
#
_entity_poly.entity_id   1
_entity_poly.type   'polypeptide(L)'
_entity_poly.pdbx_seq_one_letter_code
;(ACE)RMKQIEDKLEEILSKLYHIE(XPC)EL(GM8)IK(XPC)LLGER
;
_entity_poly.pdbx_strand_id   C,A,B,D
#
# COMPACT_ATOMS: atom_id res chain seq x y z
N ARG A 2 13.91 26.54 4.78
CA ARG A 2 13.45 27.83 4.35
C ARG A 2 11.90 27.81 4.41
N MET A 3 11.28 28.92 4.63
CA MET A 3 9.90 29.03 4.93
C MET A 3 9.08 28.55 3.77
N LYS A 4 9.46 28.75 2.56
CA LYS A 4 8.71 28.30 1.39
C LYS A 4 8.65 26.79 1.39
N GLN A 5 9.77 26.13 1.65
CA GLN A 5 9.82 24.67 1.63
C GLN A 5 8.97 24.10 2.75
N ILE A 6 8.96 24.69 3.91
CA ILE A 6 8.11 24.32 5.01
C ILE A 6 6.66 24.50 4.65
N GLU A 7 6.27 25.62 4.08
N GLU A 7 6.27 25.60 4.07
CA GLU A 7 4.89 25.86 3.66
CA GLU A 7 4.88 25.86 3.76
C GLU A 7 4.43 24.82 2.66
C GLU A 7 4.40 24.92 2.61
N ASP A 8 5.29 24.52 1.69
CA ASP A 8 4.95 23.59 0.65
C ASP A 8 4.68 22.19 1.25
N LYS A 9 5.48 21.76 2.20
N LYS A 9 5.51 21.74 2.17
CA LYS A 9 5.29 20.48 2.85
CA LYS A 9 5.32 20.49 2.90
C LYS A 9 4.06 20.49 3.70
C LYS A 9 4.04 20.51 3.67
N LEU A 10 3.70 21.56 4.39
CA LEU A 10 2.48 21.65 5.12
C LEU A 10 1.29 21.52 4.19
N GLU A 11 1.32 22.13 3.05
CA GLU A 11 0.24 21.99 2.08
C GLU A 11 0.15 20.54 1.56
N GLU A 12 1.25 19.93 1.24
CA GLU A 12 1.24 18.56 0.76
C GLU A 12 0.67 17.65 1.84
N ILE A 13 0.95 17.83 3.09
CA ILE A 13 0.40 17.06 4.17
C ILE A 13 -1.07 17.29 4.23
N LEU A 14 -1.60 18.48 4.17
CA LEU A 14 -3.02 18.77 4.20
C LEU A 14 -3.72 18.11 3.01
N SER A 15 -3.10 18.08 1.87
N SER A 15 -3.06 18.08 1.88
CA SER A 15 -3.70 17.49 0.70
CA SER A 15 -3.58 17.50 0.64
C SER A 15 -3.78 15.96 0.87
C SER A 15 -3.75 15.99 0.85
N LYS A 16 -2.74 15.35 1.40
CA LYS A 16 -2.78 13.90 1.68
C LYS A 16 -3.82 13.64 2.68
N LEU A 17 -4.02 14.39 3.71
CA LEU A 17 -5.04 14.15 4.71
C LEU A 17 -6.40 14.23 4.06
N TYR A 18 -6.66 15.07 3.14
CA TYR A 18 -7.93 15.12 2.45
C TYR A 18 -8.12 13.86 1.62
N HIS A 19 -7.11 13.36 0.96
CA HIS A 19 -7.28 12.14 0.19
C HIS A 19 -7.53 11.00 1.11
N ILE A 20 -6.90 10.92 2.25
CA ILE A 20 -7.16 9.86 3.22
C ILE A 20 -8.57 9.97 3.69
N GLU A 21 -9.12 11.10 4.07
CA GLU A 21 -10.46 11.25 4.57
C GLU A 21 -11.49 10.90 3.52
N GLU A 23 -10.44 8.15 0.83
CA GLU A 23 -10.37 6.72 1.10
C GLU A 23 -11.22 6.26 2.23
N LEU A 24 -11.54 7.03 3.25
CA LEU A 24 -12.22 6.56 4.45
C LEU A 24 -13.73 6.53 4.34
N ILE A 26 -14.31 3.71 2.66
CA ILE A 26 -14.38 2.54 3.53
C ILE A 26 -15.51 2.52 4.52
N LYS A 27 -15.83 3.59 5.20
CA LYS A 27 -16.83 3.59 6.22
C LYS A 27 -18.20 3.24 5.58
N LEU A 29 -18.65 0.05 4.46
CA LEU A 29 -18.79 -1.16 5.28
C LEU A 29 -19.81 -0.98 6.38
N LEU A 30 -19.97 0.20 6.96
CA LEU A 30 -20.81 0.47 8.09
C LEU A 30 -22.04 1.31 7.66
N GLY A 31 -22.09 1.73 6.41
CA GLY A 31 -23.21 2.54 5.87
C GLY A 31 -23.12 2.80 4.37
N ARG B 2 17.21 24.63 13.64
CA ARG B 2 15.82 24.37 13.97
C ARG B 2 14.95 24.35 12.80
N MET B 3 15.21 25.17 11.82
CA MET B 3 14.31 25.20 10.65
C MET B 3 14.46 23.96 9.84
N LYS B 4 15.64 23.40 9.71
CA LYS B 4 15.83 22.20 8.93
C LYS B 4 15.22 21.08 9.75
N GLN B 5 15.23 21.13 11.05
CA GLN B 5 14.64 20.05 11.89
C GLN B 5 13.14 20.07 11.65
N ILE B 6 12.47 21.19 11.55
CA ILE B 6 11.05 21.27 11.23
C ILE B 6 10.86 20.66 9.87
N GLU B 7 11.62 20.98 8.85
CA GLU B 7 11.43 20.45 7.50
C GLU B 7 11.62 18.93 7.52
N ASP B 8 12.57 18.42 8.25
CA ASP B 8 12.81 16.96 8.31
C ASP B 8 11.64 16.28 8.97
N LYS B 9 11.09 16.81 10.03
CA LYS B 9 9.92 16.20 10.70
C LYS B 9 8.76 16.26 9.79
N LEU B 10 8.53 17.28 9.01
CA LEU B 10 7.45 17.38 8.06
C LEU B 10 7.65 16.38 6.96
N GLU B 11 8.84 16.05 6.52
CA GLU B 11 9.08 15.00 5.56
C GLU B 11 8.71 13.65 6.18
N GLU B 12 9.05 13.37 7.42
CA GLU B 12 8.69 12.14 8.10
C GLU B 12 7.18 12.02 8.20
N ILE B 13 6.48 13.07 8.55
CA ILE B 13 5.03 13.11 8.60
C ILE B 13 4.49 12.83 7.24
N LEU B 14 4.93 13.36 6.16
CA LEU B 14 4.43 13.13 4.85
C LEU B 14 4.68 11.73 4.42
N SER B 15 5.79 11.16 4.78
CA SER B 15 6.13 9.80 4.42
C SER B 15 5.24 8.80 5.16
N LYS B 16 4.95 9.03 6.42
CA LYS B 16 4.02 8.18 7.18
C LYS B 16 2.65 8.32 6.61
N LEU B 17 2.17 9.46 6.19
CA LEU B 17 0.87 9.66 5.53
C LEU B 17 0.85 8.92 4.23
N TYR B 18 1.91 8.87 3.46
CA TYR B 18 1.91 8.12 2.23
C TYR B 18 1.75 6.64 2.57
N HIS B 19 2.39 6.15 3.64
CA HIS B 19 2.24 4.75 4.00
C HIS B 19 0.81 4.45 4.39
N ILE B 20 0.13 5.31 5.08
CA ILE B 20 -1.26 5.20 5.44
C ILE B 20 -2.11 5.22 4.20
N GLU B 21 -1.95 6.08 3.27
CA GLU B 21 -2.73 6.23 2.10
C GLU B 21 -2.59 4.99 1.23
N GLU B 23 -1.65 1.49 3.06
CA GLU B 23 -2.58 0.71 3.83
C GLU B 23 -4.00 0.83 3.41
N LEU B 24 -4.49 2.00 3.05
CA LEU B 24 -5.90 2.25 2.82
C LEU B 24 -6.41 1.80 1.51
N ILE B 26 -6.86 -1.44 1.75
CA ILE B 26 -8.15 -1.85 2.32
C ILE B 26 -9.33 -1.56 1.47
N LYS B 27 -9.41 -0.40 0.83
CA LYS B 27 -10.61 -0.04 0.10
C LYS B 27 -10.78 -0.92 -1.12
N LEU B 29 -11.41 -4.28 -0.72
CA LEU B 29 -12.70 -4.86 -0.25
C LEU B 29 -13.85 -4.46 -1.11
N LEU B 30 -13.82 -3.23 -1.58
CA LEU B 30 -14.94 -2.64 -2.28
C LEU B 30 -14.70 -2.50 -3.80
N GLY B 31 -13.54 -2.98 -4.26
N ARG C 2 8.56 6.72 -9.99
CA ARG C 2 8.88 5.30 -10.28
C ARG C 2 8.49 4.42 -9.17
N MET C 3 8.58 4.79 -7.93
CA MET C 3 8.27 3.93 -6.82
C MET C 3 6.80 3.75 -6.77
N LYS C 4 5.98 4.74 -7.02
CA LYS C 4 4.53 4.58 -7.09
C LYS C 4 4.15 3.62 -8.22
N GLN C 5 4.83 3.62 -9.34
CA GLN C 5 4.47 2.76 -10.47
C GLN C 5 4.76 1.34 -10.01
N ILE C 6 5.85 1.08 -9.33
CA ILE C 6 6.16 -0.25 -8.83
C ILE C 6 5.12 -0.62 -7.82
N GLU C 7 4.70 0.21 -6.92
CA GLU C 7 3.66 -0.09 -5.93
C GLU C 7 2.36 -0.44 -6.59
N ASP C 8 1.97 0.22 -7.65
CA ASP C 8 0.73 -0.06 -8.33
C ASP C 8 0.81 -1.44 -8.99
N LYS C 9 1.93 -1.85 -9.56
CA LYS C 9 2.12 -3.21 -10.12
C LYS C 9 2.08 -4.21 -9.00
N LEU C 10 2.53 -4.00 -7.81
CA LEU C 10 2.46 -4.92 -6.74
C LEU C 10 1.01 -5.06 -6.36
N GLU C 11 0.19 -4.04 -6.37
CA GLU C 11 -1.25 -4.18 -6.08
C GLU C 11 -1.96 -4.99 -7.16
N GLU C 12 -1.60 -4.83 -8.43
CA GLU C 12 -2.19 -5.59 -9.51
C GLU C 12 -1.83 -7.06 -9.30
N ILE C 13 -0.63 -7.37 -8.93
CA ILE C 13 -0.19 -8.76 -8.65
C ILE C 13 -0.99 -9.26 -7.50
N LEU C 14 -1.24 -8.57 -6.44
CA LEU C 14 -2.02 -9.06 -5.32
C LEU C 14 -3.46 -9.23 -5.74
N SER C 15 -3.98 -8.47 -6.67
CA SER C 15 -5.35 -8.65 -7.12
CA SER C 15 -5.35 -8.63 -7.15
C SER C 15 -5.48 -9.96 -7.92
N LYS C 16 -4.57 -10.26 -8.80
CA LYS C 16 -4.53 -11.50 -9.51
C LYS C 16 -4.39 -12.62 -8.52
N LEU C 17 -3.62 -12.57 -7.47
CA LEU C 17 -3.44 -13.64 -6.52
C LEU C 17 -4.76 -13.83 -5.81
N TYR C 18 -5.55 -12.84 -5.51
CA TYR C 18 -6.86 -13.03 -4.87
C TYR C 18 -7.78 -13.74 -5.87
N HIS C 19 -7.82 -13.36 -7.10
CA HIS C 19 -8.68 -13.98 -8.11
C HIS C 19 -8.26 -15.42 -8.20
N ILE C 20 -7.04 -15.80 -8.23
CA ILE C 20 -6.57 -17.18 -8.30
C ILE C 20 -6.94 -17.92 -7.07
N GLU C 21 -6.86 -17.42 -5.86
CA GLU C 21 -7.26 -18.06 -4.67
CA GLU C 21 -7.19 -18.13 -4.65
C GLU C 21 -8.73 -18.23 -4.57
N GLU C 23 -10.72 -18.75 -7.84
CA GLU C 23 -10.65 -19.99 -8.62
C GLU C 23 -10.35 -21.20 -7.88
N LEU C 24 -9.54 -21.21 -6.88
CA LEU C 24 -9.01 -22.40 -6.23
C LEU C 24 -9.92 -22.98 -5.17
N ILE C 26 -12.21 -24.61 -6.94
CA ILE C 26 -11.78 -26.00 -7.35
C ILE C 26 -11.57 -26.97 -6.24
N LYS C 27 -10.90 -26.62 -5.17
CA LYS C 27 -10.52 -27.58 -4.17
C LYS C 27 -11.79 -28.11 -3.51
N LEU C 29 -13.98 -30.00 -5.35
CA LEU C 29 -13.76 -31.37 -5.78
C LEU C 29 -13.36 -32.25 -4.64
N LEU C 30 -12.69 -31.75 -3.65
CA LEU C 30 -12.12 -32.52 -2.57
C LEU C 30 -12.81 -32.11 -1.25
N GLY C 31 -12.50 -32.89 -0.21
N ARG D 2 10.17 3.67 1.68
CA ARG D 2 9.57 3.14 0.48
C ARG D 2 10.14 1.81 0.01
N MET D 3 11.41 1.56 0.17
CA MET D 3 11.99 0.30 -0.19
C MET D 3 11.52 -0.78 0.69
N LYS D 4 11.38 -0.55 1.99
CA LYS D 4 10.88 -1.56 2.93
C LYS D 4 9.45 -1.92 2.57
N GLN D 5 8.65 -0.96 2.14
CA GLN D 5 7.28 -1.20 1.79
C GLN D 5 7.24 -2.14 0.60
N ILE D 6 8.06 -1.96 -0.41
CA ILE D 6 8.14 -2.86 -1.57
C ILE D 6 8.57 -4.22 -1.08
N GLU D 7 9.55 -4.33 -0.22
CA GLU D 7 9.97 -5.60 0.34
C GLU D 7 8.90 -6.34 1.06
N ASP D 8 8.12 -5.65 1.85
CA ASP D 8 7.06 -6.23 2.61
C ASP D 8 6.00 -6.78 1.68
N LYS D 9 5.66 -6.06 0.63
CA LYS D 9 4.66 -6.55 -0.32
C LYS D 9 5.21 -7.73 -1.01
N LEU D 10 6.46 -7.87 -1.35
CA LEU D 10 7.02 -9.04 -1.98
C LEU D 10 6.96 -10.18 -1.03
N GLU D 11 7.12 -10.02 0.26
CA GLU D 11 6.94 -11.11 1.20
C GLU D 11 5.48 -11.57 1.25
N GLU D 12 4.55 -10.67 1.14
CA GLU D 12 3.15 -11.02 1.15
C GLU D 12 2.80 -11.79 -0.11
N ILE D 13 3.32 -11.42 -1.23
CA ILE D 13 3.15 -12.14 -2.50
C ILE D 13 3.76 -13.51 -2.36
N LEU D 14 4.94 -13.71 -1.84
CA LEU D 14 5.54 -15.01 -1.65
C LEU D 14 4.69 -15.86 -0.72
N SER D 15 4.13 -15.30 0.35
CA SER D 15 3.33 -16.09 1.26
CA SER D 15 3.28 -16.06 1.27
C SER D 15 2.03 -16.56 0.58
N LYS D 16 1.42 -15.74 -0.22
CA LYS D 16 0.23 -16.07 -0.96
C LYS D 16 0.53 -17.13 -1.99
N LEU D 17 1.66 -17.12 -2.66
CA LEU D 17 2.07 -18.09 -3.62
C LEU D 17 2.35 -19.39 -2.91
N TYR D 18 2.87 -19.42 -1.71
CA TYR D 18 3.04 -20.63 -0.97
C TYR D 18 1.68 -21.19 -0.64
N HIS D 19 0.71 -20.44 -0.24
CA HIS D 19 -0.63 -20.99 0.05
C HIS D 19 -1.21 -21.57 -1.19
N ILE D 20 -1.05 -20.98 -2.35
CA ILE D 20 -1.57 -21.52 -3.63
C ILE D 20 -0.86 -22.81 -3.96
N GLU D 21 0.44 -22.94 -3.86
CA GLU D 21 1.15 -24.11 -4.27
C GLU D 21 0.90 -25.24 -3.26
N GLU D 23 -2.85 -25.32 -1.67
CA GLU D 23 -4.06 -25.73 -2.40
C GLU D 23 -3.84 -26.63 -3.53
N LEU D 24 -2.76 -26.53 -4.24
CA LEU D 24 -2.63 -27.22 -5.51
C LEU D 24 -2.14 -28.68 -5.34
N ILE D 26 -4.84 -30.35 -4.57
CA ILE D 26 -5.63 -30.76 -5.75
C ILE D 26 -4.96 -31.78 -6.64
N LYS D 27 -3.68 -31.71 -6.95
CA LYS D 27 -3.07 -32.55 -7.94
C LYS D 27 -3.03 -33.96 -7.39
N LEU D 29 -5.87 -35.74 -6.96
CA LEU D 29 -6.69 -36.30 -8.03
C LEU D 29 -5.93 -37.15 -8.94
N LEU D 30 -4.68 -36.92 -9.22
CA LEU D 30 -3.92 -37.54 -10.27
C LEU D 30 -2.77 -38.36 -9.71
N GLY D 31 -2.67 -38.43 -8.38
CA GLY D 31 -1.74 -39.32 -7.68
C GLY D 31 -1.89 -39.18 -6.17
#